data_3L5T
#
_entry.id   3L5T
#
_cell.length_a   67.770
_cell.length_b   67.661
_cell.length_c   88.999
_cell.angle_alpha   90.000
_cell.angle_beta   90.000
_cell.angle_gamma   90.000
#
_symmetry.space_group_name_H-M   'P 21 21 21'
#
loop_
_entity.id
_entity.type
_entity.pdbx_description
1 polymer 'Macrophage migration inhibitory factor'
2 non-polymer 1-methyl-2-oxo-4-[4-(thiophen-2-ylcarbonyl)piperazin-1-yl]-1,2-dihydroquinoline-3-carbonitrile
3 non-polymer 'SULFATE ION'
4 water water
#
_entity_poly.entity_id   1
_entity_poly.type   'polypeptide(L)'
_entity_poly.pdbx_seq_one_letter_code
;PMFIVNTNVPRASVPDGFLSELTQQLAQATGKPPQYIAVHVVPDQLMAFGGSSEPCALCSLHSIGKIGGAQNRSYSKLLC
GLLAERLRISPDRVYINYYDMNAANVGWNNSTFALEHHHHHH
;
_entity_poly.pdbx_strand_id   A,B,C
#
loop_
_chem_comp.id
_chem_comp.type
_chem_comp.name
_chem_comp.formula
956 non-polymer 1-methyl-2-oxo-4-[4-(thiophen-2-ylcarbonyl)piperazin-1-yl]-1,2-dihydroquinoline-3-carbonitrile 'C20 H18 N4 O2 S'
SO4 non-polymer 'SULFATE ION' 'O4 S -2'
#
# COMPACT_ATOMS: atom_id res chain seq x y z
N PRO A 1 3.16 0.58 -15.69
CA PRO A 1 2.07 0.41 -14.68
C PRO A 1 2.38 -0.71 -13.70
N MET A 2 1.73 -0.66 -12.55
CA MET A 2 1.89 -1.73 -11.56
C MET A 2 0.57 -2.07 -10.90
N PHE A 3 0.36 -3.36 -10.69
CA PHE A 3 -0.87 -3.85 -10.09
C PHE A 3 -0.57 -4.74 -8.90
N ILE A 4 -1.21 -4.45 -7.78
CA ILE A 4 -1.02 -5.23 -6.55
C ILE A 4 -2.35 -5.85 -6.15
N VAL A 5 -2.33 -7.13 -5.81
CA VAL A 5 -3.51 -7.82 -5.26
CA VAL A 5 -3.51 -7.78 -5.23
C VAL A 5 -3.19 -8.39 -3.88
N ASN A 6 -3.93 -7.96 -2.86
CA ASN A 6 -3.83 -8.56 -1.54
C ASN A 6 -5.11 -9.36 -1.32
N THR A 7 -4.98 -10.62 -0.92
CA THR A 7 -6.15 -11.48 -0.77
C THR A 7 -5.98 -12.49 0.35
N ASN A 8 -7.10 -12.93 0.92
CA ASN A 8 -7.08 -13.99 1.93
C ASN A 8 -7.17 -15.39 1.32
N VAL A 9 -7.27 -15.46 -0.01
CA VAL A 9 -7.20 -16.74 -0.69
C VAL A 9 -5.83 -17.38 -0.47
N PRO A 10 -5.79 -18.70 -0.22
CA PRO A 10 -4.53 -19.39 0.09
C PRO A 10 -3.56 -19.38 -1.09
N ARG A 11 -2.27 -19.41 -0.81
CA ARG A 11 -1.29 -19.41 -1.89
C ARG A 11 -1.48 -20.57 -2.85
N ALA A 12 -1.84 -21.74 -2.31
CA ALA A 12 -2.00 -22.94 -3.14
C ALA A 12 -3.14 -22.78 -4.15
N SER A 13 -4.02 -21.81 -3.90
CA SER A 13 -5.17 -21.59 -4.78
C SER A 13 -4.87 -20.58 -5.89
N VAL A 14 -3.67 -20.00 -5.88
CA VAL A 14 -3.23 -19.15 -6.98
C VAL A 14 -2.68 -20.04 -8.08
N PRO A 15 -3.32 -20.02 -9.26
CA PRO A 15 -3.00 -20.97 -10.33
C PRO A 15 -1.71 -20.64 -11.07
N ASP A 16 -1.01 -21.67 -11.54
CA ASP A 16 0.13 -21.46 -12.42
C ASP A 16 -0.30 -20.57 -13.57
N GLY A 17 0.51 -19.54 -13.86
CA GLY A 17 0.23 -18.66 -14.98
C GLY A 17 -0.45 -17.35 -14.62
N PHE A 18 -0.83 -17.20 -13.35
CA PHE A 18 -1.62 -16.04 -12.92
C PHE A 18 -0.88 -14.71 -13.12
N LEU A 19 0.36 -14.63 -12.66
CA LEU A 19 1.12 -13.39 -12.80
C LEU A 19 1.29 -13.03 -14.27
N SER A 20 1.53 -14.04 -15.11
CA SER A 20 1.76 -13.80 -16.52
C SER A 20 0.50 -13.29 -17.20
N GLU A 21 -0.64 -13.87 -16.82
CA GLU A 21 -1.91 -13.46 -17.40
C GLU A 21 -2.23 -12.02 -17.02
N LEU A 22 -2.02 -11.69 -15.75
CA LEU A 22 -2.21 -10.32 -15.30
C LEU A 22 -1.32 -9.36 -16.08
N THR A 23 -0.06 -9.74 -16.25
CA THR A 23 0.89 -8.89 -16.96
C THR A 23 0.39 -8.61 -18.39
N GLN A 24 0.01 -9.67 -19.10
CA GLN A 24 -0.34 -9.51 -20.51
C GLN A 24 -1.68 -8.82 -20.71
N GLN A 25 -2.65 -9.13 -19.84
CA GLN A 25 -3.95 -8.50 -19.94
C GLN A 25 -3.88 -7.02 -19.55
N LEU A 26 -3.03 -6.69 -18.59
CA LEU A 26 -2.86 -5.31 -18.19
C LEU A 26 -2.10 -4.53 -19.26
N ALA A 27 -1.14 -5.18 -19.92
CA ALA A 27 -0.46 -4.55 -21.04
C ALA A 27 -1.49 -4.17 -22.11
N GLN A 28 -2.40 -5.10 -22.40
CA GLN A 28 -3.44 -4.87 -23.38
C GLN A 28 -4.35 -3.72 -22.99
N ALA A 29 -4.81 -3.73 -21.75
CA ALA A 29 -5.83 -2.78 -21.31
C ALA A 29 -5.26 -1.37 -21.16
N THR A 30 -4.01 -1.25 -20.75
CA THR A 30 -3.42 0.08 -20.50
C THR A 30 -2.73 0.64 -21.73
N GLY A 31 -2.52 -0.20 -22.74
CA GLY A 31 -1.85 0.24 -23.95
C GLY A 31 -0.34 0.38 -23.80
N LYS A 32 0.21 -0.13 -22.69
CA LYS A 32 1.64 -0.09 -22.46
C LYS A 32 2.26 -1.46 -22.71
N PRO A 33 3.53 -1.50 -23.17
CA PRO A 33 4.20 -2.77 -23.46
C PRO A 33 4.31 -3.62 -22.19
N PRO A 34 4.22 -4.95 -22.34
CA PRO A 34 4.26 -5.85 -21.19
C PRO A 34 5.58 -5.79 -20.41
N GLN A 35 6.65 -5.35 -21.05
CA GLN A 35 7.93 -5.24 -20.36
C GLN A 35 7.91 -4.10 -19.34
N TYR A 36 6.88 -3.25 -19.42
CA TYR A 36 6.74 -2.14 -18.49
C TYR A 36 5.85 -2.50 -17.29
N ILE A 37 5.16 -3.64 -17.37
CA ILE A 37 4.12 -3.96 -16.40
C ILE A 37 4.69 -4.75 -15.22
N ALA A 38 4.42 -4.28 -14.01
CA ALA A 38 4.80 -5.02 -12.80
C ALA A 38 3.55 -5.53 -12.09
N VAL A 39 3.62 -6.75 -11.57
CA VAL A 39 2.49 -7.35 -10.88
C VAL A 39 2.94 -7.97 -9.56
N HIS A 40 2.08 -7.89 -8.55
CA HIS A 40 2.44 -8.31 -7.20
C HIS A 40 1.19 -8.92 -6.57
N VAL A 41 1.30 -10.18 -6.16
CA VAL A 41 0.18 -10.92 -5.63
C VAL A 41 0.50 -11.40 -4.22
N VAL A 42 -0.36 -11.08 -3.27
CA VAL A 42 -0.10 -11.40 -1.88
C VAL A 42 -1.24 -12.21 -1.28
N PRO A 43 -1.09 -13.54 -1.24
CA PRO A 43 -2.09 -14.47 -0.72
C PRO A 43 -2.03 -14.62 0.81
N ASP A 44 -2.95 -15.41 1.35
CA ASP A 44 -2.93 -15.81 2.76
C ASP A 44 -3.04 -14.64 3.72
N GLN A 45 -3.68 -13.57 3.29
CA GLN A 45 -3.79 -12.37 4.11
C GLN A 45 -4.91 -12.46 5.14
N LEU A 46 -4.69 -11.80 6.28
CA LEU A 46 -5.73 -11.68 7.29
C LEU A 46 -6.60 -10.46 6.97
N MET A 47 -7.77 -10.70 6.40
CA MET A 47 -8.65 -9.60 6.03
C MET A 47 -10.12 -9.94 6.15
N ALA A 48 -10.94 -8.91 6.17
CA ALA A 48 -12.38 -9.08 6.16
C ALA A 48 -12.97 -8.02 5.26
N PHE A 49 -14.12 -8.34 4.66
CA PHE A 49 -14.84 -7.42 3.81
C PHE A 49 -16.30 -7.48 4.26
N GLY A 50 -16.83 -6.37 4.73
CA GLY A 50 -18.18 -6.36 5.26
C GLY A 50 -18.31 -7.19 6.53
N GLY A 51 -17.19 -7.38 7.23
CA GLY A 51 -17.21 -8.14 8.46
C GLY A 51 -17.08 -9.65 8.26
N SER A 52 -16.96 -10.08 7.01
CA SER A 52 -16.89 -11.50 6.69
C SER A 52 -15.51 -11.85 6.13
N SER A 53 -15.03 -13.05 6.43
CA SER A 53 -13.72 -13.48 5.96
C SER A 53 -13.80 -14.47 4.80
N GLU A 54 -14.93 -14.46 4.11
CA GLU A 54 -15.04 -15.14 2.82
C GLU A 54 -14.01 -14.50 1.88
N PRO A 55 -13.66 -15.19 0.78
CA PRO A 55 -12.65 -14.66 -0.12
C PRO A 55 -12.92 -13.22 -0.54
N CYS A 56 -11.89 -12.41 -0.49
CA CYS A 56 -11.98 -11.02 -0.90
C CYS A 56 -10.61 -10.55 -1.35
N ALA A 57 -10.55 -9.36 -1.92
CA ALA A 57 -9.29 -8.82 -2.41
C ALA A 57 -9.28 -7.30 -2.30
N LEU A 58 -8.12 -6.77 -1.93
CA LEU A 58 -7.89 -5.33 -1.93
C LEU A 58 -6.72 -5.08 -2.88
N CYS A 59 -6.95 -4.24 -3.89
CA CYS A 59 -5.98 -4.11 -4.98
C CYS A 59 -5.63 -2.64 -5.24
N SER A 60 -4.53 -2.43 -5.95
CA SER A 60 -4.20 -1.09 -6.44
CA SER A 60 -4.15 -1.09 -6.41
C SER A 60 -3.66 -1.18 -7.85
N LEU A 61 -3.98 -0.18 -8.65
CA LEU A 61 -3.37 -0.03 -9.97
C LEU A 61 -2.80 1.37 -10.08
N HIS A 62 -1.50 1.46 -10.33
CA HIS A 62 -0.84 2.74 -10.56
C HIS A 62 -0.46 2.83 -12.03
N SER A 63 -0.72 3.98 -12.64
CA SER A 63 -0.32 4.23 -14.02
C SER A 63 -0.07 5.72 -14.22
N ILE A 64 0.92 6.04 -15.04
CA ILE A 64 1.09 7.42 -15.47
C ILE A 64 0.09 7.66 -16.60
N GLY A 65 -1.02 8.30 -16.27
CA GLY A 65 -2.10 8.46 -17.23
C GLY A 65 -2.86 7.17 -17.44
N LYS A 66 -3.78 7.17 -18.41
CA LYS A 66 -4.64 6.02 -18.69
C LYS A 66 -5.53 5.69 -17.49
N ILE A 67 -5.72 6.67 -16.62
CA ILE A 67 -6.62 6.54 -15.48
C ILE A 67 -7.77 7.52 -15.64
N GLY A 68 -9.00 7.05 -15.50
CA GLY A 68 -10.15 7.92 -15.65
C GLY A 68 -11.46 7.17 -15.56
N GLY A 69 -12.57 7.91 -15.65
CA GLY A 69 -13.87 7.31 -15.44
C GLY A 69 -14.11 6.02 -16.20
N ALA A 70 -14.19 6.10 -17.52
CA ALA A 70 -14.54 4.94 -18.34
C ALA A 70 -13.43 3.90 -18.32
N GLN A 71 -12.19 4.37 -18.35
CA GLN A 71 -11.03 3.48 -18.34
C GLN A 71 -10.97 2.63 -17.08
N ASN A 72 -11.28 3.24 -15.94
CA ASN A 72 -11.24 2.54 -14.67
C ASN A 72 -12.37 1.50 -14.58
N ARG A 73 -13.54 1.84 -15.12
CA ARG A 73 -14.62 0.87 -15.15
C ARG A 73 -14.23 -0.34 -16.00
N SER A 74 -13.51 -0.08 -17.08
CA SER A 74 -13.02 -1.16 -17.93
C SER A 74 -11.97 -2.01 -17.21
N TYR A 75 -11.04 -1.37 -16.53
CA TYR A 75 -10.04 -2.09 -15.73
C TYR A 75 -10.72 -2.96 -14.69
N SER A 76 -11.75 -2.41 -14.05
CA SER A 76 -12.45 -3.14 -12.99
C SER A 76 -13.13 -4.38 -13.53
N LYS A 77 -13.79 -4.26 -14.68
CA LYS A 77 -14.45 -5.42 -15.27
C LYS A 77 -13.42 -6.49 -15.60
N LEU A 78 -12.29 -6.05 -16.17
CA LEU A 78 -11.22 -6.96 -16.54
C LEU A 78 -10.66 -7.67 -15.30
N LEU A 79 -10.30 -6.88 -14.28
CA LEU A 79 -9.61 -7.41 -13.12
C LEU A 79 -10.52 -8.23 -12.21
N CYS A 80 -11.74 -7.75 -11.98
CA CYS A 80 -12.72 -8.53 -11.23
C CYS A 80 -13.02 -9.85 -11.96
N GLY A 81 -13.04 -9.81 -13.28
CA GLY A 81 -13.27 -11.01 -14.06
C GLY A 81 -12.19 -12.05 -13.81
N LEU A 82 -10.93 -11.60 -13.83
CA LEU A 82 -9.80 -12.49 -13.58
C LEU A 82 -9.78 -13.02 -12.16
N LEU A 83 -10.08 -12.15 -11.20
CA LEU A 83 -10.08 -12.56 -9.79
C LEU A 83 -11.18 -13.59 -9.53
N ALA A 84 -12.32 -13.42 -10.19
CA ALA A 84 -13.43 -14.34 -10.01
C ALA A 84 -13.11 -15.69 -10.65
N GLU A 85 -12.61 -15.64 -11.88
CA GLU A 85 -12.29 -16.84 -12.63
C GLU A 85 -11.12 -17.61 -12.00
N ARG A 86 -10.05 -16.89 -11.67
CA ARG A 86 -8.81 -17.54 -11.26
C ARG A 86 -8.73 -17.82 -9.75
N LEU A 87 -9.25 -16.89 -8.95
CA LEU A 87 -9.15 -17.02 -7.50
C LEU A 87 -10.50 -17.27 -6.85
N ARG A 88 -11.56 -17.29 -7.66
CA ARG A 88 -12.90 -17.58 -7.15
C ARG A 88 -13.31 -16.54 -6.11
N ILE A 89 -12.92 -15.29 -6.33
CA ILE A 89 -13.34 -14.19 -5.48
C ILE A 89 -14.53 -13.49 -6.13
N SER A 90 -15.58 -13.28 -5.36
CA SER A 90 -16.76 -12.58 -5.90
C SER A 90 -16.43 -11.13 -6.16
N PRO A 91 -16.86 -10.59 -7.31
CA PRO A 91 -16.55 -9.21 -7.67
C PRO A 91 -17.01 -8.16 -6.65
N ASP A 92 -18.10 -8.44 -5.94
CA ASP A 92 -18.57 -7.48 -4.95
C ASP A 92 -17.83 -7.59 -3.62
N ARG A 93 -16.76 -8.39 -3.60
CA ARG A 93 -15.86 -8.43 -2.45
C ARG A 93 -14.44 -8.06 -2.86
N VAL A 94 -14.35 -7.25 -3.92
CA VAL A 94 -13.07 -6.72 -4.40
C VAL A 94 -13.12 -5.19 -4.37
N TYR A 95 -12.08 -4.57 -3.84
CA TYR A 95 -11.84 -3.14 -4.05
C TYR A 95 -10.54 -2.95 -4.83
N ILE A 96 -10.55 -1.99 -5.75
CA ILE A 96 -9.35 -1.62 -6.48
C ILE A 96 -9.17 -0.10 -6.40
N ASN A 97 -8.06 0.35 -5.82
CA ASN A 97 -7.76 1.77 -5.82
C ASN A 97 -6.92 2.12 -7.05
N TYR A 98 -7.40 3.10 -7.81
CA TYR A 98 -6.70 3.56 -8.99
C TYR A 98 -5.93 4.84 -8.69
N TYR A 99 -4.67 4.89 -9.13
CA TYR A 99 -3.84 6.08 -8.94
C TYR A 99 -3.30 6.56 -10.28
N ASP A 100 -3.65 7.78 -10.65
CA ASP A 100 -3.03 8.45 -11.79
C ASP A 100 -1.74 9.12 -11.30
N MET A 101 -0.60 8.53 -11.62
CA MET A 101 0.67 9.02 -11.12
C MET A 101 1.26 10.10 -12.02
N ASN A 102 1.79 11.16 -11.42
CA ASN A 102 2.58 12.14 -12.16
C ASN A 102 3.95 11.55 -12.47
N ALA A 103 4.43 11.73 -13.70
CA ALA A 103 5.68 11.11 -14.12
C ALA A 103 6.83 11.51 -13.20
N ALA A 104 6.72 12.69 -12.60
CA ALA A 104 7.77 13.19 -11.71
C ALA A 104 7.77 12.44 -10.38
N ASN A 105 6.67 11.73 -10.12
CA ASN A 105 6.50 11.03 -8.85
C ASN A 105 6.64 9.53 -9.00
N VAL A 106 7.22 9.09 -10.11
CA VAL A 106 7.53 7.67 -10.29
C VAL A 106 9.02 7.47 -10.56
N GLY A 107 9.69 6.80 -9.64
CA GLY A 107 11.12 6.54 -9.77
C GLY A 107 11.40 5.22 -10.44
N TRP A 108 12.49 5.17 -11.19
CA TRP A 108 12.89 3.96 -11.92
C TRP A 108 14.30 4.18 -12.45
N ASN A 109 15.16 3.18 -12.29
CA ASN A 109 16.48 3.19 -12.90
C ASN A 109 17.27 4.45 -12.56
N ASN A 110 17.28 4.80 -11.27
CA ASN A 110 18.11 5.90 -10.76
C ASN A 110 17.58 7.30 -11.07
N SER A 111 16.39 7.39 -11.65
CA SER A 111 15.78 8.67 -11.97
C SER A 111 14.26 8.58 -11.88
N THR A 112 13.57 9.55 -12.48
CA THR A 112 12.11 9.48 -12.61
C THR A 112 11.73 9.60 -14.08
N PHE A 113 10.43 9.49 -14.36
CA PHE A 113 9.94 9.52 -15.74
C PHE A 113 9.63 10.93 -16.24
N ALA A 114 9.80 11.92 -15.38
CA ALA A 114 9.74 13.31 -15.81
C ALA A 114 11.01 13.67 -16.58
N PRO B 1 -15.06 1.96 2.59
CA PRO B 1 -13.73 2.33 3.12
C PRO B 1 -12.84 1.11 3.31
N MET B 2 -11.52 1.34 3.30
CA MET B 2 -10.58 0.27 3.51
C MET B 2 -9.55 0.72 4.52
N PHE B 3 -9.26 -0.13 5.49
CA PHE B 3 -8.25 0.18 6.49
C PHE B 3 -7.19 -0.93 6.53
N ILE B 4 -5.93 -0.55 6.37
CA ILE B 4 -4.81 -1.49 6.35
C ILE B 4 -3.88 -1.18 7.52
N VAL B 5 -3.51 -2.21 8.29
CA VAL B 5 -2.50 -2.10 9.33
CA VAL B 5 -2.48 -2.07 9.30
C VAL B 5 -1.33 -3.01 9.05
N ASN B 6 -0.14 -2.44 8.89
CA ASN B 6 1.10 -3.23 8.81
C ASN B 6 1.85 -3.01 10.13
N THR B 7 2.27 -4.10 10.77
CA THR B 7 2.93 -4.00 12.07
C THR B 7 3.95 -5.10 12.29
N ASN B 8 4.97 -4.81 13.10
CA ASN B 8 5.93 -5.83 13.48
C ASN B 8 5.47 -6.66 14.68
N VAL B 9 4.31 -6.33 15.23
CA VAL B 9 3.71 -7.16 16.27
C VAL B 9 3.40 -8.54 15.70
N PRO B 10 3.70 -9.61 16.47
CA PRO B 10 3.53 -11.00 16.01
C PRO B 10 2.06 -11.36 15.82
N ARG B 11 1.79 -12.29 14.90
CA ARG B 11 0.42 -12.72 14.64
C ARG B 11 -0.26 -13.23 15.91
N ALA B 12 0.50 -13.93 16.75
CA ALA B 12 -0.07 -14.53 17.97
C ALA B 12 -0.57 -13.46 18.93
N SER B 13 -0.06 -12.24 18.80
CA SER B 13 -0.46 -11.16 19.68
C SER B 13 -1.70 -10.41 19.19
N VAL B 14 -2.16 -10.72 17.98
CA VAL B 14 -3.40 -10.12 17.49
C VAL B 14 -4.59 -10.85 18.10
N PRO B 15 -5.42 -10.12 18.86
CA PRO B 15 -6.50 -10.73 19.65
C PRO B 15 -7.69 -11.17 18.81
N ASP B 16 -8.35 -12.26 19.23
CA ASP B 16 -9.63 -12.65 18.66
C ASP B 16 -10.59 -11.46 18.68
N GLY B 17 -11.21 -11.18 17.55
CA GLY B 17 -12.21 -10.13 17.48
C GLY B 17 -11.67 -8.84 16.90
N PHE B 18 -10.38 -8.79 16.61
CA PHE B 18 -9.74 -7.53 16.22
C PHE B 18 -10.29 -6.98 14.91
N LEU B 19 -10.35 -7.82 13.87
CA LEU B 19 -10.87 -7.37 12.59
C LEU B 19 -12.31 -6.89 12.70
N SER B 20 -13.10 -7.58 13.52
CA SER B 20 -14.51 -7.24 13.65
C SER B 20 -14.67 -5.91 14.39
N GLU B 21 -13.83 -5.68 15.38
CA GLU B 21 -13.89 -4.43 16.13
C GLU B 21 -13.52 -3.28 15.21
N LEU B 22 -12.47 -3.46 14.42
CA LEU B 22 -12.07 -2.45 13.45
C LEU B 22 -13.21 -2.18 12.47
N THR B 23 -13.83 -3.24 11.97
CA THR B 23 -14.90 -3.09 10.99
C THR B 23 -16.03 -2.24 11.56
N GLN B 24 -16.46 -2.57 12.78
CA GLN B 24 -17.61 -1.91 13.37
C GLN B 24 -17.30 -0.48 13.81
N GLN B 25 -16.14 -0.26 14.40
CA GLN B 25 -15.78 1.07 14.87
C GLN B 25 -15.52 2.01 13.69
N LEU B 26 -15.00 1.48 12.59
CA LEU B 26 -14.81 2.28 11.39
C LEU B 26 -16.14 2.62 10.71
N ALA B 27 -17.07 1.68 10.73
CA ALA B 27 -18.40 1.95 10.17
C ALA B 27 -19.03 3.11 10.92
N GLN B 28 -18.93 3.07 12.24
CA GLN B 28 -19.49 4.11 13.10
C GLN B 28 -18.77 5.44 12.88
N ALA B 29 -17.45 5.41 12.81
CA ALA B 29 -16.66 6.63 12.67
C ALA B 29 -16.87 7.32 11.32
N THR B 30 -16.95 6.55 10.24
CA THR B 30 -17.05 7.12 8.91
C THR B 30 -18.50 7.33 8.48
N GLY B 31 -19.43 6.69 9.19
CA GLY B 31 -20.84 6.79 8.82
C GLY B 31 -21.17 5.99 7.58
N LYS B 32 -20.25 5.13 7.17
CA LYS B 32 -20.49 4.23 6.03
C LYS B 32 -21.08 2.92 6.51
N PRO B 33 -21.82 2.22 5.65
CA PRO B 33 -22.35 0.91 6.03
C PRO B 33 -21.24 -0.09 6.31
N PRO B 34 -21.39 -0.88 7.38
CA PRO B 34 -20.37 -1.89 7.71
C PRO B 34 -20.16 -2.91 6.60
N GLN B 35 -21.18 -3.10 5.77
CA GLN B 35 -21.10 -4.02 4.64
C GLN B 35 -20.05 -3.56 3.61
N TYR B 36 -19.72 -2.28 3.62
CA TYR B 36 -18.75 -1.74 2.68
C TYR B 36 -17.35 -1.54 3.29
N ILE B 37 -17.19 -1.89 4.55
CA ILE B 37 -15.91 -1.68 5.24
C ILE B 37 -15.00 -2.88 5.07
N ALA B 38 -13.78 -2.64 4.57
CA ALA B 38 -12.79 -3.71 4.43
C ALA B 38 -11.62 -3.43 5.36
N VAL B 39 -11.13 -4.47 6.01
CA VAL B 39 -10.00 -4.34 6.94
CA VAL B 39 -9.99 -4.33 6.92
C VAL B 39 -8.94 -5.39 6.62
N HIS B 40 -7.68 -5.02 6.82
CA HIS B 40 -6.57 -5.88 6.43
C HIS B 40 -5.46 -5.66 7.46
N VAL B 41 -5.08 -6.73 8.15
CA VAL B 41 -4.07 -6.67 9.20
C VAL B 41 -2.87 -7.54 8.83
N VAL B 42 -1.68 -6.94 8.84
CA VAL B 42 -0.49 -7.65 8.42
C VAL B 42 0.56 -7.64 9.53
N PRO B 43 0.65 -8.73 10.30
CA PRO B 43 1.58 -8.90 11.41
C PRO B 43 2.97 -9.37 10.98
N ASP B 44 3.88 -9.43 11.96
CA ASP B 44 5.18 -10.06 11.77
C ASP B 44 6.05 -9.35 10.71
N GLN B 45 5.84 -8.05 10.56
CA GLN B 45 6.55 -7.30 9.53
C GLN B 45 7.93 -6.85 9.98
N LEU B 46 8.84 -6.75 9.02
CA LEU B 46 10.17 -6.20 9.24
C LEU B 46 10.11 -4.69 9.06
N MET B 47 10.00 -3.97 10.17
CA MET B 47 9.91 -2.53 10.07
C MET B 47 10.59 -1.81 11.23
N ALA B 48 10.85 -0.53 11.05
CA ALA B 48 11.41 0.30 12.10
C ALA B 48 10.70 1.65 12.11
N PHE B 49 10.60 2.25 13.29
CA PHE B 49 10.06 3.60 13.44
C PHE B 49 11.09 4.38 14.27
N GLY B 50 11.60 5.46 13.71
CA GLY B 50 12.68 6.18 14.39
C GLY B 50 13.96 5.37 14.48
N GLY B 51 14.06 4.33 13.67
CA GLY B 51 15.25 3.49 13.71
C GLY B 51 15.14 2.35 14.72
N SER B 52 14.10 2.38 15.54
CA SER B 52 13.91 1.37 16.57
C SER B 52 12.92 0.31 16.10
N SER B 53 13.16 -0.94 16.49
CA SER B 53 12.29 -2.04 16.08
C SER B 53 11.27 -2.42 17.16
N GLU B 54 11.10 -1.56 18.16
CA GLU B 54 10.00 -1.68 19.11
C GLU B 54 8.68 -1.70 18.33
N PRO B 55 7.61 -2.18 18.95
CA PRO B 55 6.34 -2.28 18.22
C PRO B 55 5.95 -0.96 17.57
N CYS B 56 5.52 -1.04 16.32
CA CYS B 56 5.05 0.12 15.59
C CYS B 56 4.04 -0.31 14.54
N ALA B 57 3.40 0.65 13.91
CA ALA B 57 2.43 0.33 12.87
C ALA B 57 2.44 1.39 11.78
N LEU B 58 2.30 0.93 10.54
CA LEU B 58 2.10 1.83 9.40
C LEU B 58 0.76 1.48 8.79
N CYS B 59 -0.13 2.47 8.71
CA CYS B 59 -1.53 2.23 8.38
C CYS B 59 -2.02 3.11 7.24
N SER B 60 -3.08 2.66 6.57
CA SER B 60 -3.76 3.46 5.56
C SER B 60 -5.26 3.42 5.78
N LEU B 61 -5.92 4.56 5.63
CA LEU B 61 -7.38 4.58 5.56
C LEU B 61 -7.82 5.24 4.25
N HIS B 62 -8.54 4.49 3.42
CA HIS B 62 -9.08 5.02 2.17
C HIS B 62 -10.59 5.15 2.29
N SER B 63 -11.12 6.30 1.93
CA SER B 63 -12.57 6.51 1.96
C SER B 63 -12.97 7.47 0.85
N ILE B 64 -14.15 7.25 0.28
CA ILE B 64 -14.72 8.22 -0.63
C ILE B 64 -15.42 9.28 0.20
N GLY B 65 -14.73 10.41 0.40
CA GLY B 65 -15.25 11.43 1.29
C GLY B 65 -15.05 11.06 2.76
N LYS B 66 -15.58 11.88 3.66
CA LYS B 66 -15.43 11.68 5.10
C LYS B 66 -13.96 11.69 5.49
N ILE B 67 -13.16 12.41 4.72
CA ILE B 67 -11.75 12.61 5.04
C ILE B 67 -11.50 14.11 5.15
N GLY B 68 -10.82 14.53 6.21
CA GLY B 68 -10.59 15.95 6.41
C GLY B 68 -9.92 16.25 7.72
N GLY B 69 -9.57 17.52 7.93
CA GLY B 69 -8.81 17.91 9.09
C GLY B 69 -9.34 17.33 10.39
N ALA B 70 -10.53 17.74 10.80
CA ALA B 70 -11.08 17.35 12.08
C ALA B 70 -11.43 15.86 12.10
N GLN B 71 -11.95 15.37 10.99
CA GLN B 71 -12.33 13.97 10.89
C GLN B 71 -11.11 13.06 11.02
N ASN B 72 -10.01 13.44 10.38
CA ASN B 72 -8.81 12.61 10.41
C ASN B 72 -8.18 12.58 11.81
N ARG B 73 -8.28 13.69 12.53
CA ARG B 73 -7.81 13.71 13.92
C ARG B 73 -8.67 12.78 14.78
N SER B 74 -9.96 12.73 14.49
CA SER B 74 -10.86 11.84 15.22
C SER B 74 -10.52 10.37 14.91
N TYR B 75 -10.31 10.06 13.63
CA TYR B 75 -9.94 8.70 13.23
C TYR B 75 -8.63 8.30 13.91
N SER B 76 -7.69 9.22 13.99
CA SER B 76 -6.40 8.92 14.57
C SER B 76 -6.52 8.58 16.06
N LYS B 77 -7.36 9.33 16.77
CA LYS B 77 -7.56 9.05 18.18
C LYS B 77 -8.20 7.67 18.35
N LEU B 78 -9.20 7.37 17.52
CA LEU B 78 -9.87 6.08 17.56
C LEU B 78 -8.91 4.94 17.25
N LEU B 79 -8.21 5.06 16.13
CA LEU B 79 -7.37 3.97 15.64
C LEU B 79 -6.12 3.78 16.49
N CYS B 80 -5.50 4.89 16.90
CA CYS B 80 -4.35 4.79 17.81
C CYS B 80 -4.79 4.17 19.14
N GLY B 81 -5.99 4.53 19.58
CA GLY B 81 -6.50 3.98 20.82
C GLY B 81 -6.64 2.48 20.74
N LEU B 82 -7.15 1.99 19.61
CA LEU B 82 -7.35 0.56 19.40
C LEU B 82 -6.02 -0.18 19.25
N LEU B 83 -5.06 0.43 18.56
CA LEU B 83 -3.76 -0.21 18.37
C LEU B 83 -3.03 -0.31 19.70
N ALA B 84 -3.20 0.70 20.54
CA ALA B 84 -2.56 0.71 21.85
C ALA B 84 -3.20 -0.35 22.75
N GLU B 85 -4.52 -0.39 22.77
CA GLU B 85 -5.26 -1.29 23.64
C GLU B 85 -5.09 -2.75 23.23
N ARG B 86 -5.19 -3.03 21.93
CA ARG B 86 -5.23 -4.40 21.44
C ARG B 86 -3.86 -4.97 21.08
N LEU B 87 -3.00 -4.15 20.50
CA LEU B 87 -1.69 -4.62 20.04
C LEU B 87 -0.56 -4.07 20.90
N ARG B 88 -0.91 -3.22 21.87
CA ARG B 88 0.07 -2.63 22.77
C ARG B 88 1.12 -1.81 22.02
N ILE B 89 0.68 -1.10 20.99
CA ILE B 89 1.56 -0.22 20.23
C ILE B 89 1.40 1.22 20.70
N SER B 90 2.52 1.86 21.04
CA SER B 90 2.49 3.26 21.45
C SER B 90 1.99 4.15 20.32
N PRO B 91 1.06 5.07 20.63
CA PRO B 91 0.49 5.96 19.61
C PRO B 91 1.54 6.77 18.85
N ASP B 92 2.64 7.12 19.51
CA ASP B 92 3.67 7.87 18.83
C ASP B 92 4.62 7.00 18.00
N ARG B 93 4.27 5.72 17.85
CA ARG B 93 4.95 4.87 16.88
C ARG B 93 3.96 4.30 15.85
N VAL B 94 2.92 5.08 15.59
CA VAL B 94 1.95 4.76 14.56
C VAL B 94 1.88 5.89 13.54
N TYR B 95 1.94 5.55 12.25
CA TYR B 95 1.54 6.48 11.20
C TYR B 95 0.29 5.94 10.50
N ILE B 96 -0.63 6.83 10.20
CA ILE B 96 -1.81 6.49 9.40
C ILE B 96 -1.90 7.47 8.25
N ASN B 97 -1.80 6.98 7.01
CA ASN B 97 -2.02 7.83 5.85
C ASN B 97 -3.50 7.82 5.46
N TYR B 98 -4.09 9.01 5.37
CA TYR B 98 -5.49 9.14 4.96
C TYR B 98 -5.61 9.52 3.50
N TYR B 99 -6.48 8.82 2.78
CA TYR B 99 -6.70 9.08 1.36
C TYR B 99 -8.17 9.36 1.11
N ASP B 100 -8.47 10.55 0.59
CA ASP B 100 -9.81 10.86 0.11
C ASP B 100 -9.90 10.40 -1.35
N MET B 101 -10.53 9.26 -1.57
CA MET B 101 -10.58 8.69 -2.91
C MET B 101 -11.73 9.28 -3.71
N ASN B 102 -11.49 9.61 -4.97
CA ASN B 102 -12.58 9.99 -5.86
C ASN B 102 -13.37 8.74 -6.24
N ALA B 103 -14.69 8.87 -6.32
CA ALA B 103 -15.55 7.72 -6.62
C ALA B 103 -15.12 7.03 -7.91
N ALA B 104 -14.62 7.81 -8.87
CA ALA B 104 -14.22 7.25 -10.16
C ALA B 104 -12.95 6.42 -10.05
N ASN B 105 -12.22 6.60 -8.94
CA ASN B 105 -10.93 5.93 -8.77
C ASN B 105 -11.00 4.77 -7.77
N VAL B 106 -12.21 4.32 -7.46
CA VAL B 106 -12.38 3.12 -6.65
C VAL B 106 -13.19 2.06 -7.38
N GLY B 107 -12.55 0.95 -7.69
CA GLY B 107 -13.22 -0.15 -8.36
C GLY B 107 -13.90 -1.10 -7.40
N TRP B 108 -15.00 -1.69 -7.85
CA TRP B 108 -15.78 -2.63 -7.05
C TRP B 108 -16.82 -3.27 -7.95
N ASN B 109 -17.04 -4.58 -7.79
CA ASN B 109 -18.16 -5.24 -8.43
C ASN B 109 -18.20 -4.98 -9.94
N ASN B 110 -17.06 -5.17 -10.60
CA ASN B 110 -16.96 -5.10 -12.06
C ASN B 110 -16.98 -3.68 -12.61
N SER B 111 -17.03 -2.68 -11.74
CA SER B 111 -17.12 -1.30 -12.18
C SER B 111 -16.43 -0.38 -11.18
N THR B 112 -16.88 0.87 -11.10
CA THR B 112 -16.41 1.77 -10.05
C THR B 112 -17.61 2.41 -9.37
N PHE B 113 -17.36 3.36 -8.47
CA PHE B 113 -18.46 4.08 -7.83
C PHE B 113 -18.87 5.33 -8.61
N ALA B 114 -18.26 5.52 -9.78
CA ALA B 114 -18.70 6.59 -10.67
C ALA B 114 -19.65 6.01 -11.70
N LEU B 115 -20.95 6.11 -11.42
CA LEU B 115 -21.96 5.49 -12.27
C LEU B 115 -22.79 6.55 -13.01
N GLU B 116 -22.42 7.81 -12.86
CA GLU B 116 -23.25 8.92 -13.33
C GLU B 116 -23.05 9.27 -14.78
N HIS B 117 -21.81 9.17 -15.25
CA HIS B 117 -21.49 9.60 -16.62
C HIS B 117 -20.72 8.53 -17.38
N PRO C 1 8.57 10.84 7.49
CA PRO C 1 8.56 10.13 6.21
C PRO C 1 8.46 8.62 6.38
N MET C 2 7.92 7.95 5.36
CA MET C 2 7.72 6.50 5.41
C MET C 2 8.21 5.88 4.11
N PHE C 3 9.10 4.91 4.22
CA PHE C 3 9.59 4.21 3.04
C PHE C 3 9.26 2.72 3.11
N ILE C 4 8.62 2.22 2.06
CA ILE C 4 8.22 0.82 2.00
C ILE C 4 8.86 0.16 0.79
N VAL C 5 9.48 -1.00 1.00
CA VAL C 5 10.02 -1.81 -0.10
C VAL C 5 9.38 -3.19 -0.11
N ASN C 6 8.76 -3.54 -1.23
CA ASN C 6 8.27 -4.90 -1.44
C ASN C 6 9.14 -5.55 -2.51
N THR C 7 9.66 -6.74 -2.22
CA THR C 7 10.61 -7.38 -3.14
C THR C 7 10.48 -8.90 -3.12
N ASN C 8 10.90 -9.55 -4.20
CA ASN C 8 10.88 -11.02 -4.25
C ASN C 8 12.20 -11.61 -3.77
N VAL C 9 13.16 -10.74 -3.43
CA VAL C 9 14.40 -11.19 -2.79
C VAL C 9 14.10 -11.87 -1.46
N PRO C 10 14.83 -12.97 -1.16
CA PRO C 10 14.64 -13.75 0.08
C PRO C 10 14.96 -12.95 1.34
N ARG C 11 14.22 -13.23 2.41
CA ARG C 11 14.47 -12.61 3.71
C ARG C 11 15.94 -12.70 4.11
N ALA C 12 16.55 -13.85 3.86
CA ALA C 12 17.93 -14.08 4.27
C ALA C 12 18.90 -13.16 3.54
N SER C 13 18.46 -12.62 2.40
CA SER C 13 19.30 -11.73 1.60
C SER C 13 19.20 -10.27 2.04
N VAL C 14 18.29 -10.00 2.98
CA VAL C 14 18.21 -8.66 3.56
C VAL C 14 19.22 -8.55 4.70
N PRO C 15 20.25 -7.72 4.51
CA PRO C 15 21.30 -7.62 5.52
C PRO C 15 20.80 -6.98 6.82
N ASP C 16 21.27 -7.50 7.95
CA ASP C 16 21.02 -6.85 9.22
C ASP C 16 21.57 -5.44 9.14
N GLY C 17 20.83 -4.49 9.72
CA GLY C 17 21.27 -3.11 9.66
C GLY C 17 20.70 -2.37 8.45
N PHE C 18 19.99 -3.09 7.58
CA PHE C 18 19.42 -2.46 6.39
C PHE C 18 18.38 -1.42 6.77
N LEU C 19 17.50 -1.76 7.70
CA LEU C 19 16.50 -0.80 8.17
C LEU C 19 17.16 0.43 8.79
N SER C 20 18.20 0.21 9.58
CA SER C 20 18.94 1.32 10.18
C SER C 20 19.61 2.18 9.12
N GLU C 21 20.15 1.54 8.09
CA GLU C 21 20.83 2.28 7.03
C GLU C 21 19.83 3.12 6.25
N LEU C 22 18.69 2.53 5.94
CA LEU C 22 17.63 3.26 5.23
C LEU C 22 17.19 4.46 6.06
N THR C 23 17.05 4.25 7.36
CA THR C 23 16.59 5.31 8.25
C THR C 23 17.56 6.48 8.21
N GLN C 24 18.85 6.19 8.35
CA GLN C 24 19.87 7.24 8.38
C GLN C 24 19.96 7.97 7.05
N GLN C 25 19.94 7.22 5.94
CA GLN C 25 20.09 7.81 4.62
C GLN C 25 18.90 8.66 4.23
N LEU C 26 17.70 8.23 4.64
CA LEU C 26 16.49 8.98 4.35
C LEU C 26 16.41 10.25 5.17
N ALA C 27 16.86 10.18 6.43
CA ALA C 27 16.88 11.37 7.28
C ALA C 27 17.81 12.41 6.65
N GLN C 28 18.97 11.96 6.20
CA GLN C 28 19.93 12.84 5.55
C GLN C 28 19.35 13.44 4.27
N ALA C 29 18.71 12.59 3.45
CA ALA C 29 18.23 13.01 2.15
C ALA C 29 17.04 13.96 2.22
N THR C 30 16.16 13.72 3.19
CA THR C 30 14.93 14.51 3.28
C THR C 30 15.09 15.71 4.21
N GLY C 31 16.12 15.66 5.05
CA GLY C 31 16.33 16.73 6.01
C GLY C 31 15.46 16.58 7.24
N LYS C 32 14.65 15.52 7.25
CA LYS C 32 13.80 15.22 8.40
C LYS C 32 14.63 14.54 9.47
N PRO C 33 14.26 14.72 10.74
CA PRO C 33 14.95 14.00 11.82
C PRO C 33 14.62 12.51 11.81
N PRO C 34 15.62 11.67 12.15
CA PRO C 34 15.44 10.22 12.08
C PRO C 34 14.32 9.68 12.95
N GLN C 35 14.00 10.39 14.04
CA GLN C 35 12.92 9.99 14.93
C GLN C 35 11.57 9.91 14.22
N TYR C 36 11.42 10.64 13.12
CA TYR C 36 10.17 10.64 12.39
C TYR C 36 10.20 9.80 11.11
N ILE C 37 11.28 9.06 10.90
CA ILE C 37 11.41 8.22 9.70
C ILE C 37 10.97 6.79 10.01
N ALA C 38 10.08 6.25 9.17
CA ALA C 38 9.65 4.86 9.30
C ALA C 38 10.04 4.09 8.06
N VAL C 39 10.48 2.85 8.26
CA VAL C 39 10.94 2.02 7.15
C VAL C 39 10.35 0.62 7.28
N HIS C 40 10.04 0.01 6.13
CA HIS C 40 9.31 -1.25 6.12
C HIS C 40 9.78 -2.05 4.91
N VAL C 41 10.31 -3.24 5.16
CA VAL C 41 10.83 -4.08 4.08
C VAL C 41 10.10 -5.40 4.05
N VAL C 42 9.62 -5.78 2.87
CA VAL C 42 8.80 -6.98 2.72
C VAL C 42 9.41 -7.89 1.67
N PRO C 43 10.19 -8.88 2.10
CA PRO C 43 10.87 -9.86 1.25
C PRO C 43 9.96 -11.03 0.85
N ASP C 44 10.49 -11.89 -0.01
CA ASP C 44 9.85 -13.16 -0.34
C ASP C 44 8.51 -12.99 -1.03
N GLN C 45 8.33 -11.87 -1.71
CA GLN C 45 7.06 -11.58 -2.36
C GLN C 45 6.92 -12.27 -3.70
N LEU C 46 5.68 -12.58 -4.07
CA LEU C 46 5.37 -13.14 -5.37
C LEU C 46 5.14 -12.00 -6.36
N MET C 47 6.16 -11.70 -7.17
CA MET C 47 6.13 -10.52 -8.03
C MET C 47 6.67 -10.83 -9.41
N ALA C 48 6.25 -10.04 -10.39
CA ALA C 48 6.89 -10.05 -11.70
C ALA C 48 7.08 -8.63 -12.16
N PHE C 49 8.15 -8.40 -12.90
CA PHE C 49 8.44 -7.10 -13.50
C PHE C 49 8.75 -7.38 -14.97
N GLY C 50 7.92 -6.85 -15.86
CA GLY C 50 8.10 -7.12 -17.28
C GLY C 50 7.92 -8.57 -17.63
N GLY C 51 7.15 -9.30 -16.81
CA GLY C 51 6.91 -10.71 -17.06
C GLY C 51 7.97 -11.64 -16.50
N SER C 52 9.00 -11.07 -15.89
CA SER C 52 10.11 -11.83 -15.34
C SER C 52 10.10 -11.82 -13.81
N SER C 53 10.53 -12.93 -13.20
CA SER C 53 10.59 -13.01 -11.74
C SER C 53 12.02 -12.92 -11.20
N GLU C 54 12.93 -12.35 -11.99
CA GLU C 54 14.24 -11.97 -11.47
C GLU C 54 14.05 -10.90 -10.40
N PRO C 55 15.07 -10.64 -9.58
CA PRO C 55 14.91 -9.68 -8.49
C PRO C 55 14.33 -8.36 -8.96
N CYS C 56 13.35 -7.86 -8.21
CA CYS C 56 12.73 -6.58 -8.49
C CYS C 56 12.18 -6.01 -7.19
N ALA C 57 11.76 -4.75 -7.22
CA ALA C 57 11.16 -4.13 -6.06
C ALA C 57 10.09 -3.12 -6.46
N LEU C 58 9.03 -3.06 -5.68
CA LEU C 58 8.05 -1.99 -5.80
C LEU C 58 8.05 -1.24 -4.47
N CYS C 59 8.28 0.07 -4.53
CA CYS C 59 8.51 0.86 -3.33
C CYS C 59 7.59 2.07 -3.28
N SER C 60 7.46 2.66 -2.09
CA SER C 60 6.81 3.94 -1.96
CA SER C 60 6.77 3.93 -1.92
C SER C 60 7.55 4.80 -0.95
N LEU C 61 7.58 6.10 -1.22
CA LEU C 61 8.08 7.07 -0.25
C LEU C 61 7.00 8.13 -0.02
N HIS C 62 6.52 8.21 1.22
CA HIS C 62 5.56 9.23 1.60
C HIS C 62 6.27 10.27 2.45
N SER C 63 6.06 11.53 2.14
CA SER C 63 6.63 12.62 2.93
C SER C 63 5.72 13.84 2.92
N ILE C 64 5.72 14.57 4.02
CA ILE C 64 5.03 15.84 4.06
C ILE C 64 5.99 16.91 3.55
N GLY C 65 5.87 17.27 2.29
CA GLY C 65 6.83 18.16 1.66
C GLY C 65 8.10 17.42 1.27
N LYS C 66 9.05 18.12 0.69
CA LYS C 66 10.33 17.54 0.31
C LYS C 66 10.13 16.50 -0.79
N ILE C 67 9.01 16.63 -1.50
CA ILE C 67 8.74 15.80 -2.67
C ILE C 67 8.63 16.71 -3.89
N GLY C 68 9.29 16.33 -4.99
CA GLY C 68 9.29 17.19 -6.15
C GLY C 68 10.20 16.70 -7.26
N GLY C 69 10.17 17.40 -8.40
CA GLY C 69 10.92 16.95 -9.57
C GLY C 69 12.35 16.56 -9.27
N ALA C 70 13.17 17.53 -8.90
CA ALA C 70 14.61 17.29 -8.70
C ALA C 70 14.86 16.43 -7.46
N GLN C 71 14.07 16.66 -6.42
CA GLN C 71 14.25 15.91 -5.19
C GLN C 71 13.97 14.43 -5.39
N ASN C 72 12.93 14.13 -6.16
CA ASN C 72 12.57 12.73 -6.42
C ASN C 72 13.62 12.03 -7.29
N ARG C 73 14.25 12.77 -8.19
CA ARG C 73 15.33 12.20 -8.98
C ARG C 73 16.50 11.84 -8.06
N SER C 74 16.76 12.70 -7.08
CA SER C 74 17.82 12.46 -6.13
C SER C 74 17.49 11.25 -5.25
N TYR C 75 16.23 11.16 -4.82
CA TYR C 75 15.79 10.03 -4.01
C TYR C 75 15.93 8.72 -4.79
N SER C 76 15.58 8.76 -6.08
CA SER C 76 15.62 7.56 -6.90
C SER C 76 17.04 7.01 -7.05
N LYS C 77 18.00 7.90 -7.26
CA LYS C 77 19.39 7.49 -7.38
C LYS C 77 19.87 6.89 -6.06
N LEU C 78 19.51 7.55 -4.96
CA LEU C 78 19.89 7.08 -3.62
C LEU C 78 19.29 5.70 -3.34
N LEU C 79 17.99 5.57 -3.54
CA LEU C 79 17.28 4.36 -3.15
C LEU C 79 17.60 3.18 -4.06
N CYS C 80 17.64 3.42 -5.36
CA CYS C 80 18.05 2.37 -6.29
C CYS C 80 19.47 1.92 -5.97
N GLY C 81 20.32 2.87 -5.61
CA GLY C 81 21.69 2.52 -5.29
C GLY C 81 21.77 1.57 -4.11
N LEU C 82 20.98 1.85 -3.07
CA LEU C 82 20.94 1.01 -1.89
C LEU C 82 20.35 -0.37 -2.20
N LEU C 83 19.29 -0.40 -3.00
CA LEU C 83 18.65 -1.66 -3.34
C LEU C 83 19.58 -2.51 -4.20
N ALA C 84 20.33 -1.86 -5.08
CA ALA C 84 21.30 -2.57 -5.91
C ALA C 84 22.44 -3.10 -5.06
N GLU C 85 23.05 -2.24 -4.25
CA GLU C 85 24.20 -2.62 -3.44
C GLU C 85 23.86 -3.65 -2.36
N ARG C 86 22.72 -3.47 -1.72
CA ARG C 86 22.38 -4.27 -0.54
C ARG C 86 21.51 -5.49 -0.85
N LEU C 87 20.63 -5.37 -1.83
CA LEU C 87 19.71 -6.47 -2.16
C LEU C 87 20.02 -7.07 -3.52
N ARG C 88 20.97 -6.47 -4.24
CA ARG C 88 21.38 -6.97 -5.55
C ARG C 88 20.23 -6.88 -6.55
N ILE C 89 19.39 -5.86 -6.41
CA ILE C 89 18.32 -5.62 -7.36
C ILE C 89 18.74 -4.57 -8.35
N SER C 90 18.60 -4.89 -9.64
CA SER C 90 18.94 -3.95 -10.70
C SER C 90 18.00 -2.75 -10.68
N PRO C 91 18.56 -1.54 -10.82
CA PRO C 91 17.78 -0.32 -10.80
C PRO C 91 16.67 -0.24 -11.86
N ASP C 92 16.86 -0.91 -12.99
CA ASP C 92 15.83 -0.90 -14.01
C ASP C 92 14.73 -1.91 -13.74
N ARG C 93 14.78 -2.57 -12.58
CA ARG C 93 13.68 -3.42 -12.14
C ARG C 93 13.11 -2.93 -10.80
N VAL C 94 13.18 -1.61 -10.61
CA VAL C 94 12.63 -0.98 -9.41
C VAL C 94 11.65 0.13 -9.82
N TYR C 95 10.48 0.13 -9.20
CA TYR C 95 9.59 1.30 -9.26
C TYR C 95 9.46 1.88 -7.86
N ILE C 96 9.48 3.20 -7.78
CA ILE C 96 9.23 3.92 -6.52
C ILE C 96 8.12 4.94 -6.73
N ASN C 97 7.02 4.78 -6.01
CA ASN C 97 5.95 5.77 -6.05
C ASN C 97 6.18 6.84 -4.99
N TYR C 98 6.24 8.10 -5.40
CA TYR C 98 6.42 9.20 -4.45
C TYR C 98 5.09 9.89 -4.15
N TYR C 99 4.86 10.19 -2.87
CA TYR C 99 3.64 10.84 -2.42
C TYR C 99 3.97 12.06 -1.56
N ASP C 100 3.52 13.23 -1.98
CA ASP C 100 3.59 14.42 -1.16
C ASP C 100 2.33 14.45 -0.30
N MET C 101 2.47 14.15 0.98
CA MET C 101 1.32 14.06 1.87
C MET C 101 1.00 15.41 2.51
N ASN C 102 -0.29 15.73 2.61
CA ASN C 102 -0.70 16.90 3.36
C ASN C 102 -0.65 16.58 4.85
N ALA C 103 -0.20 17.54 5.65
CA ALA C 103 -0.05 17.32 7.09
C ALA C 103 -1.37 16.84 7.72
N ALA C 104 -2.49 17.31 7.17
CA ALA C 104 -3.79 16.96 7.73
C ALA C 104 -4.15 15.50 7.44
N ASN C 105 -3.47 14.92 6.45
CA ASN C 105 -3.76 13.54 6.02
C ASN C 105 -2.76 12.52 6.53
N VAL C 106 -1.96 12.91 7.51
CA VAL C 106 -1.06 11.95 8.16
C VAL C 106 -1.34 11.89 9.67
N GLY C 107 -1.83 10.74 10.12
CA GLY C 107 -2.10 10.55 11.53
C GLY C 107 -0.87 10.08 12.28
N TRP C 108 -0.76 10.51 13.53
CA TRP C 108 0.35 10.14 14.40
C TRP C 108 -0.02 10.54 15.82
N ASN C 109 0.31 9.71 16.80
CA ASN C 109 0.20 10.10 18.20
C ASN C 109 -1.19 10.63 18.53
N ASN C 110 -2.23 9.88 18.16
CA ASN C 110 -3.62 10.22 18.51
C ASN C 110 -4.21 11.40 17.75
N SER C 111 -3.43 12.00 16.87
CA SER C 111 -3.90 13.17 16.11
C SER C 111 -3.31 13.14 14.71
N THR C 112 -3.18 14.31 14.10
CA THR C 112 -2.48 14.43 12.82
C THR C 112 -1.42 15.52 12.96
N PHE C 113 -0.75 15.83 11.85
CA PHE C 113 0.22 16.92 11.84
C PHE C 113 -0.41 18.27 11.51
N ALA C 114 -1.74 18.29 11.39
CA ALA C 114 -2.46 19.55 11.29
C ALA C 114 -2.96 19.93 12.67
N LEU C 115 -2.18 20.73 13.37
CA LEU C 115 -2.47 21.09 14.75
C LEU C 115 -2.91 22.54 14.86
N GLU C 116 -3.04 23.20 13.71
CA GLU C 116 -3.15 24.66 13.69
C GLU C 116 -4.58 25.17 13.61
N HIS C 117 -5.49 24.37 13.07
CA HIS C 117 -6.85 24.83 12.90
C HIS C 117 -7.89 23.80 13.33
CAA 956 D . 9.99 0.00 -17.44
CAB 956 D . 11.12 0.13 -18.24
CAC 956 D . 11.23 1.19 -19.14
CAD 956 D . 8.95 0.93 -17.56
CAE 956 D . 9.05 1.99 -18.46
CAF 956 D . 10.19 2.12 -19.25
NAG 956 D . 10.29 3.18 -20.15
CAH 956 D . 9.25 4.12 -20.26
CAI 956 D . 8.12 3.98 -19.47
CAJ 956 D . 8.03 2.92 -18.56
OAK 956 D . 9.34 5.06 -21.05
CAL 956 D . 11.50 3.36 -20.99
NAM 956 D . 6.91 2.83 -17.71
CAN 956 D . 7.11 2.72 -16.24
CAO 956 D . 6.22 3.72 -15.52
NAP 956 D . 4.85 3.70 -16.08
CAQ 956 D . 4.65 3.78 -17.55
CAR 956 D . 5.54 2.76 -18.27
CAS 956 D . 3.79 3.61 -15.27
OAT 956 D . 2.66 3.74 -15.72
CAU 956 D . 3.98 3.35 -13.77
SAV 956 D . 3.21 4.23 -12.53
CAW 956 D . 3.90 3.30 -11.29
CAX 956 D . 4.67 2.39 -11.87
CAY 956 D . 4.73 2.40 -13.21
CAZ 956 D . 7.05 4.94 -19.58
NBA 956 D . 6.21 5.70 -19.68
S SO4 E . -23.17 11.34 -19.96
O1 SO4 E . -23.61 11.88 -18.65
O2 SO4 E . -21.99 10.49 -19.77
O3 SO4 E . -24.26 10.56 -20.55
O4 SO4 E . -22.82 12.47 -20.84
S SO4 F . -9.03 27.93 13.86
O1 SO4 F . -9.84 28.53 14.94
O2 SO4 F . -7.87 27.24 14.42
O3 SO4 F . -9.86 26.96 13.12
O4 SO4 F . -8.57 29.02 12.97
#